data_6GP5
#
_entry.id   6GP5
#
_cell.length_a   47.213
_cell.length_b   44.681
_cell.length_c   137.546
_cell.angle_alpha   90.000
_cell.angle_beta   99.380
_cell.angle_gamma   90.000
#
_symmetry.space_group_name_H-M   'P 1 21 1'
#
loop_
_entity.id
_entity.type
_entity.pdbx_description
1 polymer 'Arabinogalactan endo-beta-1,4-galactanase'
2 water water
#
_entity_poly.entity_id   1
_entity_poly.type   'polypeptide(L)'
_entity_poly.pdbx_seq_one_letter_code
;MAHHHHHHSAALEVLFQGPGSEDGPVTNPRQEEPQKVVKEEGFARGADVSWLTQMEAEGLKFYTPDENRQEMECMDLLRD
YCGVNSIRLRVWVNPKDGWNNMNDVIVKAKRAERLGLRTMIDFHFSDTWADPGHQEMPEAWKELSFDDLKIALSEHVKSV
LTALKAVGVTPEWVQVGNETTPGMMLPVGSVDNPEQLTALNNAGYDAVKAICPDAKVIVHLDAGNDQWVYNRMFDILQAN
GGKYDMIGMSLYPYWAEQEGKTGGWLKVADDCIANIKHVKQKYNKPVMICEIGMPYDQAEACKQLITKMMQADVEGIFYW
EPQAPNGYNDGYNLGCFDNNAPTIALDAFKIQ
;
_entity_poly.pdbx_strand_id   A,B
#
# COMPACT_ATOMS: atom_id res chain seq x y z
N VAL A 37 5.74 -19.19 -14.57
CA VAL A 37 6.25 -19.82 -13.33
C VAL A 37 5.06 -20.40 -12.53
N VAL A 38 5.30 -21.56 -11.90
CA VAL A 38 4.32 -22.27 -11.06
C VAL A 38 4.91 -22.49 -9.67
N LYS A 39 4.02 -22.57 -8.67
CA LYS A 39 4.39 -22.80 -7.28
C LYS A 39 4.90 -24.24 -7.10
N GLU A 40 5.93 -24.36 -6.25
CA GLU A 40 6.46 -25.63 -5.82
C GLU A 40 5.65 -26.19 -4.66
N GLU A 41 5.70 -27.52 -4.56
CA GLU A 41 5.19 -28.24 -3.44
C GLU A 41 6.41 -28.71 -2.65
N GLY A 42 6.17 -29.30 -1.48
CA GLY A 42 7.24 -29.83 -0.62
C GLY A 42 7.89 -28.74 0.23
N PHE A 43 9.15 -28.99 0.60
CA PHE A 43 9.90 -28.16 1.54
C PHE A 43 9.79 -26.67 1.14
N ALA A 44 9.50 -25.81 2.13
CA ALA A 44 9.42 -24.36 1.92
C ALA A 44 10.79 -23.73 2.20
N ARG A 45 11.37 -23.18 1.14
CA ARG A 45 12.60 -22.43 1.21
C ARG A 45 12.21 -20.97 1.12
N GLY A 46 12.15 -20.31 2.26
CA GLY A 46 11.42 -19.05 2.37
C GLY A 46 12.29 -17.84 2.69
N ALA A 47 11.71 -16.68 2.39
CA ALA A 47 12.21 -15.41 2.79
C ALA A 47 11.05 -14.56 3.30
N ASP A 48 11.27 -13.88 4.42
CA ASP A 48 10.41 -12.80 4.86
C ASP A 48 10.96 -11.51 4.25
N VAL A 49 10.16 -10.83 3.41
CA VAL A 49 10.68 -9.63 2.76
C VAL A 49 9.71 -8.48 3.02
N SER A 50 9.15 -8.44 4.22
CA SER A 50 8.14 -7.44 4.56
C SER A 50 8.63 -6.01 4.32
N TRP A 51 9.87 -5.73 4.69
CA TRP A 51 10.54 -4.42 4.52
C TRP A 51 10.65 -4.01 3.03
N LEU A 52 10.47 -4.92 2.08
CA LEU A 52 10.89 -4.68 0.70
C LEU A 52 10.25 -3.41 0.14
N THR A 53 8.97 -3.16 0.43
CA THR A 53 8.30 -2.01 -0.22
C THR A 53 8.86 -0.69 0.34
N GLN A 54 9.13 -0.65 1.65
CA GLN A 54 9.79 0.48 2.25
C GLN A 54 11.18 0.69 1.66
N MET A 55 11.94 -0.40 1.53
CA MET A 55 13.29 -0.30 0.96
C MET A 55 13.26 0.32 -0.45
N GLU A 56 12.33 -0.16 -1.29
CA GLU A 56 12.18 0.27 -2.67
C GLU A 56 11.93 1.79 -2.74
N ALA A 57 11.01 2.26 -1.89
CA ALA A 57 10.62 3.69 -1.72
C ALA A 57 11.83 4.54 -1.30
N GLU A 58 12.69 3.92 -0.47
CA GLU A 58 13.91 4.53 0.02
C GLU A 58 15.02 4.49 -1.05
N GLY A 59 14.78 3.76 -2.13
CA GLY A 59 15.68 3.71 -3.31
C GLY A 59 16.81 2.68 -3.22
N LEU A 60 16.67 1.69 -2.34
CA LEU A 60 17.58 0.54 -2.27
C LEU A 60 17.45 -0.27 -3.56
N LYS A 61 18.61 -0.71 -4.08
CA LYS A 61 18.70 -1.64 -5.20
C LYS A 61 19.41 -2.93 -4.74
N PHE A 62 19.08 -4.00 -5.45
CA PHE A 62 19.65 -5.29 -5.19
C PHE A 62 20.23 -5.80 -6.50
N TYR A 63 21.22 -6.71 -6.38
CA TYR A 63 22.02 -7.20 -7.52
C TYR A 63 22.25 -8.72 -7.45
N THR A 64 22.38 -9.34 -8.63
CA THR A 64 22.76 -10.74 -8.78
C THR A 64 24.14 -10.95 -8.16
N PRO A 65 24.39 -12.13 -7.53
CA PRO A 65 25.62 -12.38 -6.80
C PRO A 65 26.76 -12.95 -7.65
N ASP A 66 26.59 -12.86 -8.98
CA ASP A 66 27.44 -13.49 -9.97
C ASP A 66 28.38 -12.44 -10.58
N GLU A 67 29.06 -12.84 -11.66
CA GLU A 67 30.12 -12.05 -12.32
C GLU A 67 29.54 -10.78 -12.95
N ASN A 68 28.22 -10.73 -13.15
CA ASN A 68 27.53 -9.61 -13.81
C ASN A 68 27.05 -8.53 -12.83
N ARG A 69 26.71 -8.91 -11.58
CA ARG A 69 26.23 -7.96 -10.55
C ARG A 69 25.17 -7.03 -11.16
N GLN A 70 24.15 -7.64 -11.78
CA GLN A 70 23.00 -6.98 -12.42
C GLN A 70 21.88 -6.63 -11.43
N GLU A 71 21.50 -5.35 -11.46
CA GLU A 71 20.34 -4.81 -10.78
C GLU A 71 19.11 -5.69 -11.05
N MET A 72 18.32 -5.99 -9.99
CA MET A 72 17.20 -6.90 -10.12
C MET A 72 16.18 -6.64 -9.00
N GLU A 73 14.89 -6.85 -9.31
CA GLU A 73 13.85 -6.80 -8.30
C GLU A 73 14.11 -7.94 -7.30
N CYS A 74 13.91 -7.66 -6.01
CA CYS A 74 14.41 -8.49 -4.93
C CYS A 74 13.75 -9.88 -4.90
N MET A 75 12.42 -9.98 -5.05
CA MET A 75 11.78 -11.31 -5.00
C MET A 75 12.26 -12.19 -6.16
N ASP A 76 12.33 -11.59 -7.35
CA ASP A 76 12.80 -12.31 -8.54
C ASP A 76 14.23 -12.80 -8.29
N LEU A 77 15.05 -11.91 -7.74
CA LEU A 77 16.45 -12.23 -7.39
C LEU A 77 16.51 -13.43 -6.43
N LEU A 78 15.77 -13.38 -5.33
CA LEU A 78 15.70 -14.49 -4.35
C LEU A 78 15.21 -15.79 -5.02
N ARG A 79 14.18 -15.71 -5.87
CA ARG A 79 13.69 -16.91 -6.56
C ARG A 79 14.75 -17.48 -7.48
N ASP A 80 15.34 -16.66 -8.34
CA ASP A 80 16.19 -17.14 -9.44
C ASP A 80 17.64 -17.40 -8.99
N TYR A 81 18.11 -16.69 -7.94
CA TYR A 81 19.53 -16.80 -7.55
C TYR A 81 19.71 -17.48 -6.18
N CYS A 82 18.66 -17.58 -5.36
CA CYS A 82 18.81 -18.07 -3.99
C CYS A 82 17.87 -19.25 -3.69
N GLY A 83 17.22 -19.77 -4.73
CA GLY A 83 16.36 -20.94 -4.64
C GLY A 83 15.17 -20.76 -3.70
N VAL A 84 14.69 -19.53 -3.55
CA VAL A 84 13.54 -19.22 -2.66
C VAL A 84 12.24 -19.58 -3.39
N ASN A 85 11.32 -20.27 -2.69
CA ASN A 85 10.07 -20.67 -3.30
C ASN A 85 8.86 -20.12 -2.53
N SER A 86 9.11 -19.34 -1.45
CA SER A 86 8.10 -18.96 -0.47
C SER A 86 8.45 -17.59 0.12
N ILE A 87 7.42 -16.76 0.36
CA ILE A 87 7.53 -15.40 0.91
C ILE A 87 6.65 -15.29 2.17
N ARG A 88 7.18 -14.64 3.21
CA ARG A 88 6.48 -14.39 4.48
C ARG A 88 6.34 -12.90 4.64
N LEU A 89 5.16 -12.44 5.08
CA LEU A 89 4.85 -11.04 5.24
C LEU A 89 4.17 -10.82 6.58
N ARG A 90 4.67 -9.84 7.34
CA ARG A 90 4.05 -9.47 8.60
C ARG A 90 2.87 -8.51 8.30
N VAL A 91 1.86 -8.57 9.17
CA VAL A 91 0.70 -7.67 9.14
C VAL A 91 0.61 -6.91 10.46
N TRP A 92 0.60 -5.59 10.38
CA TRP A 92 0.22 -4.68 11.46
C TRP A 92 -1.16 -4.07 11.16
N VAL A 93 -1.92 -3.79 12.21
CA VAL A 93 -3.32 -3.39 12.10
C VAL A 93 -3.42 -1.93 11.66
N ASN A 94 -3.01 -0.96 12.51
CA ASN A 94 -3.09 0.48 12.19
C ASN A 94 -1.72 1.13 12.26
N PRO A 95 -0.73 0.69 11.42
CA PRO A 95 0.63 1.20 11.55
C PRO A 95 0.79 2.65 11.07
N LYS A 96 1.56 3.40 11.87
CA LYS A 96 1.90 4.81 11.72
C LYS A 96 2.23 5.18 10.27
N ASP A 97 3.08 4.38 9.63
CA ASP A 97 3.61 4.79 8.34
C ASP A 97 2.99 3.96 7.21
N GLY A 98 1.90 3.25 7.53
CA GLY A 98 1.22 2.42 6.59
C GLY A 98 1.93 1.09 6.34
N TRP A 99 3.24 1.00 6.58
CA TRP A 99 3.98 -0.20 6.15
C TRP A 99 3.47 -1.41 6.96
N ASN A 100 3.33 -2.54 6.28
CA ASN A 100 2.81 -3.82 6.85
C ASN A 100 1.28 -3.76 7.08
N ASN A 101 0.61 -2.67 6.65
CA ASN A 101 -0.87 -2.66 6.74
C ASN A 101 -1.41 -3.63 5.68
N MET A 102 -2.72 -3.88 5.73
CA MET A 102 -3.36 -4.78 4.76
C MET A 102 -2.95 -4.36 3.33
N ASN A 103 -3.06 -3.08 3.02
CA ASN A 103 -2.88 -2.60 1.63
C ASN A 103 -1.46 -3.00 1.18
N ASP A 104 -0.47 -2.78 2.04
CA ASP A 104 0.97 -3.06 1.73
C ASP A 104 1.18 -4.58 1.54
N VAL A 105 0.55 -5.37 2.39
CA VAL A 105 0.68 -6.80 2.36
C VAL A 105 0.13 -7.31 1.03
N ILE A 106 -1.00 -6.75 0.60
CA ILE A 106 -1.64 -7.17 -0.64
C ILE A 106 -0.63 -6.99 -1.79
N VAL A 107 0.03 -5.83 -1.85
CA VAL A 107 0.93 -5.49 -2.98
C VAL A 107 2.04 -6.56 -3.05
N LYS A 108 2.62 -6.86 -1.89
CA LYS A 108 3.76 -7.79 -1.80
C LYS A 108 3.31 -9.23 -2.03
N ALA A 109 2.10 -9.57 -1.56
CA ALA A 109 1.54 -10.92 -1.71
C ALA A 109 1.24 -11.19 -3.19
N LYS A 110 0.66 -10.20 -3.86
CA LYS A 110 0.33 -10.29 -5.28
C LYS A 110 1.63 -10.46 -6.09
N ARG A 111 2.70 -9.77 -5.66
CA ARG A 111 3.98 -9.87 -6.34
C ARG A 111 4.54 -11.29 -6.16
N ALA A 112 4.48 -11.81 -4.93
CA ALA A 112 4.93 -13.16 -4.70
C ALA A 112 4.14 -14.15 -5.57
N GLU A 113 2.81 -14.01 -5.56
CA GLU A 113 1.92 -14.87 -6.30
C GLU A 113 2.30 -14.85 -7.79
N ARG A 114 2.50 -13.66 -8.35
CA ARG A 114 2.85 -13.46 -9.75
C ARG A 114 4.11 -14.26 -10.08
N LEU A 115 5.03 -14.36 -9.12
CA LEU A 115 6.34 -14.98 -9.34
C LEU A 115 6.32 -16.47 -9.00
N GLY A 116 5.13 -16.98 -8.70
CA GLY A 116 4.91 -18.40 -8.41
C GLY A 116 5.49 -18.80 -7.07
N LEU A 117 5.49 -17.86 -6.12
CA LEU A 117 5.96 -18.09 -4.75
C LEU A 117 4.75 -18.26 -3.83
N ARG A 118 4.84 -19.26 -2.93
CA ARG A 118 3.85 -19.55 -1.91
C ARG A 118 3.97 -18.49 -0.81
N THR A 119 2.86 -18.22 -0.11
CA THR A 119 2.83 -17.11 0.83
C THR A 119 2.39 -17.58 2.21
N MET A 120 3.08 -17.00 3.20
CA MET A 120 2.77 -17.01 4.61
C MET A 120 2.42 -15.59 5.03
N ILE A 121 1.24 -15.43 5.68
CA ILE A 121 0.82 -14.21 6.24
C ILE A 121 0.96 -14.32 7.76
N ASP A 122 1.66 -13.37 8.39
CA ASP A 122 2.01 -13.38 9.81
C ASP A 122 1.33 -12.21 10.53
N PHE A 123 0.22 -12.49 11.21
CA PHE A 123 -0.53 -11.49 11.95
C PHE A 123 0.14 -11.28 13.30
N HIS A 124 0.65 -10.06 13.52
CA HIS A 124 1.28 -9.59 14.77
C HIS A 124 0.25 -9.18 15.84
N PHE A 125 -0.96 -8.85 15.40
CA PHE A 125 -2.03 -8.35 16.28
C PHE A 125 -1.46 -7.18 17.09
N SER A 126 -0.87 -6.24 16.36
CA SER A 126 -0.27 -5.02 16.90
C SER A 126 -0.21 -3.97 15.78
N ASP A 127 0.02 -2.73 16.18
CA ASP A 127 0.28 -1.62 15.26
C ASP A 127 1.78 -1.53 14.93
N THR A 128 2.64 -2.30 15.64
CA THR A 128 4.10 -2.26 15.50
C THR A 128 4.64 -3.68 15.76
N TRP A 129 5.97 -3.79 15.91
CA TRP A 129 6.69 -5.05 16.12
C TRP A 129 6.15 -5.85 17.31
N ALA A 130 5.76 -7.10 17.05
CA ALA A 130 5.37 -8.01 18.09
C ALA A 130 6.50 -8.98 18.27
N ASP A 131 7.02 -9.05 19.49
CA ASP A 131 8.13 -9.92 19.86
C ASP A 131 7.90 -10.35 21.31
N PRO A 132 8.73 -11.23 21.90
CA PRO A 132 8.54 -11.65 23.29
C PRO A 132 8.56 -10.52 24.33
N GLY A 133 9.20 -9.39 24.02
CA GLY A 133 9.28 -8.24 24.97
C GLY A 133 8.21 -7.16 24.76
N HIS A 134 7.38 -7.30 23.71
CA HIS A 134 6.39 -6.30 23.26
C HIS A 134 5.28 -6.99 22.44
N GLN A 135 4.17 -7.28 23.10
CA GLN A 135 2.96 -7.83 22.50
C GLN A 135 1.84 -6.84 22.83
N GLU A 136 1.88 -5.67 22.19
CA GLU A 136 0.95 -4.59 22.47
C GLU A 136 -0.18 -4.59 21.43
N MET A 137 -1.44 -4.77 21.88
CA MET A 137 -2.59 -4.79 20.94
C MET A 137 -2.69 -3.43 20.24
N PRO A 138 -3.40 -3.37 19.10
CA PRO A 138 -3.60 -2.11 18.38
C PRO A 138 -4.24 -1.08 19.32
N GLU A 139 -3.75 0.17 19.23
CA GLU A 139 -4.29 1.29 19.99
C GLU A 139 -5.82 1.29 19.93
N ALA A 140 -6.37 1.16 18.72
CA ALA A 140 -7.81 1.22 18.48
C ALA A 140 -8.59 0.10 19.19
N TRP A 141 -7.93 -0.92 19.75
CA TRP A 141 -8.63 -2.10 20.32
C TRP A 141 -8.68 -2.03 21.86
N LYS A 142 -8.01 -1.06 22.46
CA LYS A 142 -7.68 -1.09 23.89
C LYS A 142 -8.90 -0.86 24.80
N GLU A 143 -9.96 -0.28 24.27
CA GLU A 143 -11.14 0.04 25.07
C GLU A 143 -12.20 -1.06 24.93
N LEU A 144 -11.94 -2.10 24.11
CA LEU A 144 -12.95 -3.12 23.75
C LEU A 144 -13.14 -4.13 24.88
N SER A 145 -14.39 -4.49 25.15
CA SER A 145 -14.67 -5.67 25.97
C SER A 145 -13.90 -6.88 25.39
N PHE A 146 -13.71 -7.94 26.20
CA PHE A 146 -13.07 -9.14 25.73
C PHE A 146 -13.83 -9.71 24.54
N ASP A 147 -15.17 -9.70 24.57
CA ASP A 147 -15.95 -10.27 23.45
C ASP A 147 -15.74 -9.45 22.17
N ASP A 148 -15.62 -8.12 22.31
CA ASP A 148 -15.45 -7.19 21.20
C ASP A 148 -14.00 -7.28 20.66
N LEU A 149 -13.01 -7.51 21.54
CA LEU A 149 -11.60 -7.74 21.14
C LEU A 149 -11.50 -8.99 20.24
N LYS A 150 -12.15 -10.07 20.66
CA LYS A 150 -12.14 -11.29 19.88
C LYS A 150 -12.74 -11.01 18.50
N ILE A 151 -13.79 -10.18 18.47
CA ILE A 151 -14.47 -9.86 17.21
C ILE A 151 -13.57 -8.98 16.35
N ALA A 152 -12.92 -7.99 16.96
CA ALA A 152 -12.00 -7.11 16.26
C ALA A 152 -10.85 -7.94 15.64
N LEU A 153 -10.26 -8.85 16.43
CA LEU A 153 -9.15 -9.68 15.95
C LEU A 153 -9.65 -10.53 14.76
N SER A 154 -10.81 -11.15 14.93
CA SER A 154 -11.42 -12.04 13.90
C SER A 154 -11.64 -11.25 12.60
N GLU A 155 -12.25 -10.05 12.75
CA GLU A 155 -12.61 -9.23 11.60
C GLU A 155 -11.35 -8.77 10.83
N HIS A 156 -10.28 -8.37 11.55
CA HIS A 156 -9.01 -7.98 10.93
C HIS A 156 -8.45 -9.14 10.07
N VAL A 157 -8.36 -10.33 10.66
CA VAL A 157 -7.81 -11.53 9.95
C VAL A 157 -8.68 -11.78 8.71
N LYS A 158 -10.01 -11.77 8.87
CA LYS A 158 -10.93 -12.00 7.71
C LYS A 158 -10.80 -10.88 6.66
N SER A 159 -10.62 -9.65 7.10
CA SER A 159 -10.48 -8.53 6.16
C SER A 159 -9.26 -8.77 5.26
N VAL A 160 -8.14 -9.11 5.89
CA VAL A 160 -6.88 -9.23 5.17
C VAL A 160 -6.96 -10.43 4.23
N LEU A 161 -7.45 -11.58 4.72
CA LEU A 161 -7.45 -12.81 3.89
C LEU A 161 -8.46 -12.68 2.73
N THR A 162 -9.60 -12.04 3.00
CA THR A 162 -10.64 -11.83 2.00
C THR A 162 -10.09 -10.98 0.84
N ALA A 163 -9.37 -9.91 1.16
CA ALA A 163 -8.74 -9.02 0.16
C ALA A 163 -7.75 -9.80 -0.71
N LEU A 164 -6.93 -10.61 -0.04
CA LEU A 164 -5.98 -11.47 -0.70
C LEU A 164 -6.73 -12.39 -1.68
N LYS A 165 -7.79 -13.05 -1.20
CA LYS A 165 -8.59 -13.94 -2.02
C LYS A 165 -9.08 -13.19 -3.25
N ALA A 166 -9.59 -11.99 -3.02
CA ALA A 166 -10.15 -11.15 -4.07
C ALA A 166 -9.13 -10.90 -5.19
N VAL A 167 -7.84 -10.78 -4.82
CA VAL A 167 -6.81 -10.40 -5.81
C VAL A 167 -6.03 -11.64 -6.27
N GLY A 168 -6.50 -12.84 -5.90
CA GLY A 168 -6.04 -14.06 -6.47
C GLY A 168 -4.91 -14.72 -5.69
N VAL A 169 -4.79 -14.39 -4.39
CA VAL A 169 -3.76 -14.96 -3.53
C VAL A 169 -4.43 -15.81 -2.44
N THR A 170 -4.06 -17.10 -2.39
CA THR A 170 -4.46 -17.95 -1.26
C THR A 170 -3.19 -18.37 -0.50
N PRO A 171 -2.89 -17.79 0.69
CA PRO A 171 -1.71 -18.18 1.43
C PRO A 171 -1.80 -19.63 1.92
N GLU A 172 -0.63 -20.25 1.99
CA GLU A 172 -0.49 -21.60 2.33
C GLU A 172 -0.46 -21.79 3.85
N TRP A 173 0.08 -20.78 4.54
CA TRP A 173 0.25 -20.73 6.00
C TRP A 173 -0.14 -19.33 6.50
N VAL A 174 -0.66 -19.29 7.74
CA VAL A 174 -0.97 -18.04 8.37
C VAL A 174 -0.54 -18.18 9.82
N GLN A 175 0.20 -17.19 10.32
CA GLN A 175 0.51 -17.11 11.75
C GLN A 175 -0.58 -16.34 12.48
N VAL A 176 -1.07 -16.96 13.55
CA VAL A 176 -1.88 -16.25 14.55
C VAL A 176 -0.94 -15.83 15.68
N GLY A 177 -0.41 -14.62 15.51
CA GLY A 177 0.58 -14.06 16.37
C GLY A 177 2.00 -14.24 15.84
N ASN A 178 2.91 -13.47 16.43
CA ASN A 178 4.31 -13.48 16.08
C ASN A 178 5.16 -13.51 17.35
N GLU A 179 6.02 -14.53 17.46
CA GLU A 179 6.86 -14.82 18.62
C GLU A 179 6.09 -14.57 19.94
N THR A 180 4.91 -15.21 20.05
CA THR A 180 4.00 -15.06 21.21
C THR A 180 4.43 -15.91 22.41
N THR A 181 5.73 -15.95 22.65
CA THR A 181 6.28 -16.69 23.76
C THR A 181 5.53 -16.39 25.07
N PRO A 182 5.26 -15.11 25.43
CA PRO A 182 4.56 -14.83 26.68
C PRO A 182 3.04 -14.78 26.50
N GLY A 183 2.56 -15.11 25.30
CA GLY A 183 1.20 -14.82 24.87
C GLY A 183 1.17 -13.65 23.92
N MET A 184 -0.01 -13.02 23.78
CA MET A 184 -0.23 -11.95 22.81
C MET A 184 -1.07 -10.87 23.48
N MET A 185 -1.02 -9.64 22.95
CA MET A 185 -1.92 -8.59 23.37
C MET A 185 -1.98 -8.53 24.90
N LEU A 186 -0.79 -8.41 25.48
CA LEU A 186 -0.57 -8.44 26.89
C LEU A 186 -1.21 -7.20 27.48
N PRO A 187 -1.84 -7.35 28.66
CA PRO A 187 -1.85 -8.59 29.43
C PRO A 187 -3.05 -9.49 29.15
N VAL A 188 -3.97 -9.01 28.34
CA VAL A 188 -5.23 -9.72 28.06
C VAL A 188 -4.93 -11.15 27.59
N GLY A 189 -4.00 -11.31 26.63
CA GLY A 189 -3.67 -12.66 26.14
C GLY A 189 -2.40 -13.23 26.73
N SER A 190 -2.06 -12.86 27.98
CA SER A 190 -0.89 -13.41 28.64
C SER A 190 -1.10 -14.91 28.87
N VAL A 191 -0.01 -15.68 28.84
CA VAL A 191 -0.03 -17.09 29.26
C VAL A 191 -0.62 -17.22 30.68
N ASP A 192 -0.47 -16.19 31.52
CA ASP A 192 -1.05 -16.18 32.89
C ASP A 192 -2.59 -16.09 32.86
N ASN A 193 -3.17 -15.76 31.70
CA ASN A 193 -4.61 -15.77 31.44
C ASN A 193 -4.89 -16.83 30.38
N PRO A 194 -4.66 -18.12 30.68
CA PRO A 194 -4.62 -19.13 29.62
C PRO A 194 -5.95 -19.30 28.87
N GLU A 195 -7.09 -19.08 29.55
CA GLU A 195 -8.38 -19.20 28.85
C GLU A 195 -8.51 -18.05 27.83
N GLN A 196 -8.12 -16.84 28.24
CA GLN A 196 -8.25 -15.68 27.35
C GLN A 196 -7.29 -15.80 26.16
N LEU A 197 -6.06 -16.25 26.42
CA LEU A 197 -5.07 -16.46 25.34
C LEU A 197 -5.64 -17.47 24.36
N THR A 198 -6.16 -18.56 24.89
CA THR A 198 -6.66 -19.66 24.03
C THR A 198 -7.88 -19.19 23.20
N ALA A 199 -8.76 -18.38 23.79
CA ALA A 199 -9.92 -17.86 23.09
C ALA A 199 -9.49 -16.87 21.99
N LEU A 200 -8.51 -16.02 22.27
CA LEU A 200 -8.03 -15.07 21.24
C LEU A 200 -7.39 -15.89 20.09
N ASN A 201 -6.57 -16.87 20.48
CA ASN A 201 -5.89 -17.77 19.51
C ASN A 201 -6.94 -18.40 18.59
N ASN A 202 -7.99 -18.92 19.20
CA ASN A 202 -9.02 -19.68 18.50
C ASN A 202 -9.82 -18.75 17.59
N ALA A 203 -10.04 -17.52 18.01
CA ALA A 203 -10.68 -16.49 17.20
C ALA A 203 -9.86 -16.26 15.92
N GLY A 204 -8.53 -16.28 16.06
CA GLY A 204 -7.57 -16.23 14.95
C GLY A 204 -7.67 -17.45 14.03
N TYR A 205 -7.58 -18.65 14.61
CA TYR A 205 -7.66 -19.89 13.87
C TYR A 205 -8.95 -19.93 13.03
N ASP A 206 -10.08 -19.62 13.65
CA ASP A 206 -11.39 -19.74 13.03
C ASP A 206 -11.54 -18.75 11.88
N ALA A 207 -11.02 -17.54 12.08
CA ALA A 207 -10.98 -16.51 11.08
C ALA A 207 -10.20 -16.97 9.83
N VAL A 208 -9.01 -17.53 10.02
CA VAL A 208 -8.20 -18.04 8.91
C VAL A 208 -9.03 -19.10 8.18
N LYS A 209 -9.60 -20.04 8.94
CA LYS A 209 -10.26 -21.19 8.34
C LYS A 209 -11.51 -20.72 7.57
N ALA A 210 -12.09 -19.59 8.03
CA ALA A 210 -13.32 -19.04 7.44
C ALA A 210 -13.09 -18.70 5.96
N ILE A 211 -11.93 -18.10 5.67
CA ILE A 211 -11.66 -17.55 4.35
C ILE A 211 -10.77 -18.52 3.55
N CYS A 212 -9.83 -19.15 4.23
CA CYS A 212 -8.80 -19.99 3.67
C CYS A 212 -8.86 -21.33 4.37
N PRO A 213 -9.81 -22.24 4.00
CA PRO A 213 -9.99 -23.48 4.73
C PRO A 213 -8.78 -24.42 4.73
N ASP A 214 -7.89 -24.28 3.75
CA ASP A 214 -6.74 -25.12 3.62
C ASP A 214 -5.46 -24.47 4.16
N ALA A 215 -5.53 -23.22 4.63
CA ALA A 215 -4.32 -22.58 5.13
C ALA A 215 -3.92 -23.21 6.48
N LYS A 216 -2.63 -23.50 6.65
CA LYS A 216 -2.15 -24.10 7.87
C LYS A 216 -1.91 -22.97 8.86
N VAL A 217 -2.56 -23.06 10.02
CA VAL A 217 -2.45 -22.03 11.04
C VAL A 217 -1.28 -22.36 11.98
N ILE A 218 -0.41 -21.37 12.17
CA ILE A 218 0.82 -21.50 12.89
C ILE A 218 0.73 -20.66 14.16
N VAL A 219 1.10 -21.29 15.27
CA VAL A 219 1.48 -20.61 16.54
C VAL A 219 3.00 -20.62 16.59
N HIS A 220 3.58 -19.40 16.63
CA HIS A 220 4.98 -19.17 16.41
C HIS A 220 5.62 -18.58 17.66
N LEU A 221 6.57 -19.29 18.26
CA LEU A 221 7.34 -18.76 19.40
C LEU A 221 8.78 -18.45 18.96
N ASP A 222 9.51 -17.71 19.80
CA ASP A 222 10.97 -17.50 19.66
C ASP A 222 11.69 -18.72 20.24
N ALA A 223 13.02 -18.60 20.30
CA ALA A 223 13.90 -19.51 21.05
C ALA A 223 13.57 -20.98 20.75
N GLY A 224 13.73 -21.37 19.48
CA GLY A 224 13.43 -22.72 19.07
C GLY A 224 14.30 -23.76 19.76
N ASN A 225 15.39 -23.32 20.41
CA ASN A 225 16.29 -24.14 21.25
C ASN A 225 15.72 -24.46 22.64
N ASP A 226 14.62 -23.82 23.03
CA ASP A 226 14.11 -23.92 24.42
C ASP A 226 12.79 -24.69 24.50
N GLN A 227 12.88 -25.96 24.89
CA GLN A 227 11.74 -26.85 25.03
C GLN A 227 10.72 -26.26 26.02
N TRP A 228 11.19 -25.67 27.12
CA TRP A 228 10.30 -25.24 28.15
C TRP A 228 9.27 -24.24 27.61
N VAL A 229 9.74 -23.27 26.81
CA VAL A 229 8.93 -22.24 26.13
C VAL A 229 7.76 -22.88 25.37
N TYR A 230 8.08 -23.97 24.66
CA TYR A 230 7.12 -24.64 23.83
C TYR A 230 6.18 -25.45 24.73
N ASN A 231 6.72 -26.15 25.72
CA ASN A 231 5.90 -26.93 26.62
C ASN A 231 4.86 -26.02 27.29
N ARG A 232 5.31 -24.85 27.75
CA ARG A 232 4.40 -23.99 28.46
C ARG A 232 3.20 -23.61 27.59
N MET A 233 3.47 -23.11 26.37
CA MET A 233 2.47 -22.58 25.47
C MET A 233 1.52 -23.69 25.00
N PHE A 234 2.11 -24.79 24.52
CA PHE A 234 1.33 -25.82 23.88
C PHE A 234 0.58 -26.68 24.92
N ASP A 235 1.05 -26.77 26.17
CA ASP A 235 0.26 -27.43 27.20
C ASP A 235 -0.96 -26.58 27.59
N ILE A 236 -0.80 -25.25 27.56
CA ILE A 236 -1.83 -24.30 27.77
C ILE A 236 -2.93 -24.45 26.71
N LEU A 237 -2.54 -24.53 25.44
CA LEU A 237 -3.49 -24.64 24.39
C LEU A 237 -4.20 -25.98 24.51
N GLN A 238 -3.43 -27.05 24.75
CA GLN A 238 -4.00 -28.39 24.92
C GLN A 238 -5.07 -28.36 26.03
N ALA A 239 -4.77 -27.69 27.15
CA ALA A 239 -5.62 -27.75 28.34
C ALA A 239 -6.90 -26.91 28.18
N ASN A 240 -7.00 -26.16 27.08
CA ASN A 240 -8.02 -25.18 26.90
C ASN A 240 -8.68 -25.31 25.52
N GLY A 241 -8.40 -26.38 24.78
CA GLY A 241 -8.99 -26.58 23.45
C GLY A 241 -8.43 -25.63 22.38
N GLY A 242 -7.17 -25.21 22.54
CA GLY A 242 -6.57 -24.29 21.64
C GLY A 242 -6.35 -24.98 20.31
N LYS A 243 -6.67 -24.29 19.21
CA LYS A 243 -6.61 -24.79 17.85
C LYS A 243 -5.36 -24.28 17.14
N TYR A 244 -4.64 -25.21 16.49
CA TYR A 244 -3.55 -24.84 15.64
C TYR A 244 -3.17 -26.05 14.80
N ASP A 245 -2.54 -25.77 13.65
CA ASP A 245 -2.15 -26.82 12.72
C ASP A 245 -0.65 -27.04 12.72
N MET A 246 0.14 -26.05 13.17
CA MET A 246 1.55 -26.11 12.95
C MET A 246 2.27 -25.32 14.04
N ILE A 247 3.43 -25.83 14.45
CA ILE A 247 4.28 -25.15 15.43
C ILE A 247 5.38 -24.38 14.69
N GLY A 248 5.46 -23.06 14.90
CA GLY A 248 6.43 -22.21 14.30
C GLY A 248 7.56 -21.89 15.26
N MET A 249 8.78 -21.76 14.76
CA MET A 249 9.96 -21.40 15.61
C MET A 249 10.81 -20.32 14.97
N SER A 250 11.40 -19.47 15.82
CA SER A 250 12.52 -18.62 15.44
C SER A 250 13.84 -19.29 15.87
N LEU A 251 14.86 -19.17 15.02
CA LEU A 251 16.20 -19.70 15.33
C LEU A 251 17.24 -18.67 14.92
N TYR A 252 17.74 -17.96 15.93
CA TYR A 252 18.78 -16.98 15.75
C TYR A 252 19.86 -17.33 16.76
N PRO A 253 20.80 -18.22 16.41
CA PRO A 253 21.69 -18.82 17.42
C PRO A 253 23.07 -18.20 17.66
N TYR A 254 23.35 -17.09 16.96
CA TYR A 254 24.68 -16.52 16.93
C TYR A 254 25.05 -15.89 18.28
N TRP A 255 24.07 -15.39 19.02
CA TRP A 255 24.30 -14.82 20.34
C TRP A 255 25.15 -15.76 21.20
N ALA A 256 24.99 -17.08 21.01
CA ALA A 256 25.71 -18.08 21.83
C ALA A 256 27.21 -18.07 21.51
N GLU A 257 27.58 -17.78 20.26
CA GLU A 257 29.00 -17.60 19.91
C GLU A 257 29.53 -16.30 20.53
N GLN A 258 28.83 -15.19 20.30
CA GLN A 258 29.22 -13.84 20.73
C GLN A 258 29.43 -13.81 22.26
N GLU A 259 28.58 -14.52 23.01
CA GLU A 259 28.55 -14.47 24.45
C GLU A 259 29.43 -15.55 25.07
N GLY A 260 30.02 -16.40 24.23
CA GLY A 260 30.95 -17.35 24.70
C GLY A 260 30.27 -18.52 25.40
N LYS A 261 29.01 -18.79 25.07
CA LYS A 261 28.26 -19.91 25.66
C LYS A 261 28.89 -21.21 25.18
N THR A 262 29.09 -22.14 26.11
CA THR A 262 29.70 -23.40 25.80
C THR A 262 28.88 -24.05 24.69
N GLY A 263 29.57 -24.55 23.64
CA GLY A 263 28.90 -25.27 22.55
C GLY A 263 28.56 -24.36 21.38
N GLY A 264 28.56 -23.05 21.63
CA GLY A 264 28.40 -22.10 20.59
C GLY A 264 27.03 -22.16 19.92
N TRP A 265 26.99 -21.69 18.67
CA TRP A 265 25.75 -21.55 18.02
C TRP A 265 25.30 -22.94 17.61
N LEU A 266 26.27 -23.82 17.39
CA LEU A 266 25.96 -25.15 17.00
C LEU A 266 25.12 -25.89 18.05
N LYS A 267 25.43 -25.74 19.36
CA LYS A 267 24.64 -26.37 20.43
C LYS A 267 23.20 -25.79 20.42
N VAL A 268 23.05 -24.48 20.20
CA VAL A 268 21.74 -23.87 20.07
C VAL A 268 20.94 -24.54 18.92
N ALA A 269 21.58 -24.74 17.77
CA ALA A 269 20.92 -25.42 16.66
C ALA A 269 20.58 -26.86 17.03
N ASP A 270 21.53 -27.59 17.63
CA ASP A 270 21.21 -29.00 18.01
C ASP A 270 20.08 -29.02 19.05
N ASP A 271 20.05 -28.05 19.96
CA ASP A 271 18.99 -27.98 20.97
C ASP A 271 17.64 -27.72 20.27
N CYS A 272 17.68 -26.96 19.17
CA CYS A 272 16.49 -26.68 18.38
C CYS A 272 16.04 -27.96 17.65
N ILE A 273 16.98 -28.68 17.05
CA ILE A 273 16.69 -29.98 16.42
C ILE A 273 15.99 -30.93 17.42
N ALA A 274 16.50 -31.02 18.67
CA ALA A 274 15.92 -31.84 19.71
C ALA A 274 14.50 -31.37 20.06
N ASN A 275 14.30 -30.04 20.06
CA ASN A 275 13.02 -29.44 20.41
C ASN A 275 12.00 -29.81 19.33
N ILE A 276 12.44 -29.75 18.07
CA ILE A 276 11.62 -30.12 16.94
C ILE A 276 11.13 -31.55 17.10
N LYS A 277 12.06 -32.49 17.34
CA LYS A 277 11.68 -33.88 17.61
C LYS A 277 10.73 -33.94 18.82
N HIS A 278 11.07 -33.21 19.88
CA HIS A 278 10.25 -33.21 21.10
C HIS A 278 8.80 -32.81 20.82
N VAL A 279 8.58 -31.69 20.12
CA VAL A 279 7.23 -31.14 19.94
C VAL A 279 6.45 -31.99 18.93
N LYS A 280 7.09 -32.52 17.89
CA LYS A 280 6.43 -33.48 17.01
C LYS A 280 5.88 -34.67 17.81
N GLN A 281 6.69 -35.27 18.68
CA GLN A 281 6.30 -36.45 19.43
C GLN A 281 5.21 -36.14 20.45
N LYS A 282 5.34 -35.03 21.19
CA LYS A 282 4.43 -34.68 22.27
C LYS A 282 3.08 -34.22 21.71
N TYR A 283 3.09 -33.50 20.60
CA TYR A 283 1.87 -32.82 20.09
C TYR A 283 1.40 -33.37 18.74
N ASN A 284 2.26 -34.09 18.02
CA ASN A 284 1.94 -34.69 16.74
C ASN A 284 1.57 -33.61 15.73
N LYS A 285 2.25 -32.47 15.80
CA LYS A 285 1.99 -31.35 14.91
C LYS A 285 3.26 -31.13 14.11
N PRO A 286 3.16 -30.73 12.84
CA PRO A 286 4.36 -30.40 12.06
C PRO A 286 4.94 -29.06 12.53
N VAL A 287 6.19 -28.83 12.16
CA VAL A 287 6.95 -27.70 12.62
C VAL A 287 7.43 -26.91 11.40
N MET A 288 7.38 -25.57 11.51
CA MET A 288 7.99 -24.68 10.57
C MET A 288 9.03 -23.84 11.30
N ILE A 289 10.20 -23.64 10.68
CA ILE A 289 11.10 -22.58 11.12
C ILE A 289 10.69 -21.33 10.35
N CYS A 290 9.99 -20.45 11.07
CA CYS A 290 9.34 -19.24 10.53
C CYS A 290 10.31 -18.04 10.41
N GLU A 291 11.39 -18.04 11.22
CA GLU A 291 12.46 -17.10 11.10
C GLU A 291 13.79 -17.79 11.39
N ILE A 292 14.78 -17.52 10.54
CA ILE A 292 16.17 -17.92 10.77
C ILE A 292 17.06 -16.77 10.37
N GLY A 293 18.20 -16.67 11.04
CA GLY A 293 19.07 -15.57 10.81
C GLY A 293 20.38 -15.67 11.56
N MET A 294 21.44 -15.22 10.86
CA MET A 294 22.77 -15.03 11.39
C MET A 294 23.30 -13.67 10.92
N PRO A 295 24.40 -13.16 11.54
CA PRO A 295 25.05 -11.95 11.05
C PRO A 295 25.39 -12.05 9.57
N TYR A 296 25.22 -10.92 8.87
CA TYR A 296 25.37 -10.84 7.44
C TYR A 296 26.81 -11.22 7.05
N ASP A 297 27.78 -10.94 7.93
CA ASP A 297 29.18 -11.30 7.64
C ASP A 297 29.60 -12.64 8.26
N GLN A 298 28.63 -13.50 8.55
CA GLN A 298 28.89 -14.89 8.96
C GLN A 298 28.34 -15.80 7.86
N ALA A 299 28.71 -15.51 6.60
CA ALA A 299 28.08 -16.11 5.42
C ALA A 299 28.25 -17.64 5.41
N GLU A 300 29.45 -18.12 5.74
CA GLU A 300 29.75 -19.55 5.69
C GLU A 300 29.01 -20.30 6.80
N ALA A 301 29.13 -19.78 8.03
CA ALA A 301 28.45 -20.36 9.19
C ALA A 301 26.93 -20.40 8.96
N CYS A 302 26.40 -19.32 8.40
CA CYS A 302 24.99 -19.22 8.13
C CYS A 302 24.59 -20.26 7.08
N LYS A 303 25.44 -20.44 6.06
CA LYS A 303 25.20 -21.50 5.08
C LYS A 303 25.10 -22.87 5.76
N GLN A 304 26.05 -23.17 6.65
CA GLN A 304 26.10 -24.44 7.36
C GLN A 304 24.89 -24.55 8.30
N LEU A 305 24.53 -23.44 8.95
CA LEU A 305 23.34 -23.48 9.80
C LEU A 305 22.10 -23.94 8.99
N ILE A 306 21.88 -23.32 7.84
CA ILE A 306 20.69 -23.63 7.06
C ILE A 306 20.76 -25.06 6.52
N THR A 307 21.94 -25.46 6.04
CA THR A 307 22.11 -26.81 5.48
C THR A 307 21.79 -27.87 6.54
N LYS A 308 22.32 -27.65 7.74
CA LYS A 308 22.12 -28.48 8.92
C LYS A 308 20.61 -28.54 9.26
N MET A 309 19.97 -27.38 9.40
CA MET A 309 18.55 -27.31 9.79
C MET A 309 17.61 -27.89 8.71
N MET A 310 18.04 -27.90 7.44
CA MET A 310 17.17 -28.35 6.37
C MET A 310 16.92 -29.89 6.45
N GLN A 311 17.70 -30.62 7.26
CA GLN A 311 17.50 -32.07 7.45
C GLN A 311 16.63 -32.37 8.69
N ALA A 312 16.37 -31.36 9.53
CA ALA A 312 15.52 -31.52 10.69
C ALA A 312 14.08 -31.80 10.23
N ASP A 313 13.22 -32.21 11.15
CA ASP A 313 11.89 -32.67 10.84
C ASP A 313 10.97 -31.44 10.70
N VAL A 314 11.27 -30.56 9.75
CA VAL A 314 10.52 -29.29 9.59
C VAL A 314 9.97 -29.24 8.17
N GLU A 315 8.95 -28.40 7.96
CA GLU A 315 8.29 -28.34 6.63
C GLU A 315 8.90 -27.22 5.78
N GLY A 316 9.81 -26.43 6.36
CA GLY A 316 10.42 -25.33 5.70
C GLY A 316 11.17 -24.44 6.65
N ILE A 317 11.85 -23.46 6.06
CA ILE A 317 12.73 -22.51 6.75
C ILE A 317 12.58 -21.18 6.03
N PHE A 318 12.30 -20.11 6.80
CA PHE A 318 12.21 -18.77 6.25
C PHE A 318 13.32 -17.85 6.80
N TYR A 319 14.21 -17.41 5.92
CA TYR A 319 15.22 -16.42 6.29
C TYR A 319 14.51 -15.08 6.50
N TRP A 320 14.77 -14.43 7.65
CA TRP A 320 14.11 -13.19 7.96
C TRP A 320 14.87 -11.98 7.37
N GLU A 321 14.20 -11.27 6.45
CA GLU A 321 14.60 -10.03 5.79
C GLU A 321 16.02 -10.22 5.25
N PRO A 322 16.29 -11.23 4.40
CA PRO A 322 17.65 -11.53 3.95
C PRO A 322 18.33 -10.32 3.30
N GLN A 323 17.51 -9.50 2.61
CA GLN A 323 17.97 -8.45 1.73
C GLN A 323 18.34 -7.19 2.53
N ALA A 324 18.04 -7.14 3.83
CA ALA A 324 18.28 -5.93 4.60
C ALA A 324 19.78 -5.66 4.70
N PRO A 325 20.27 -4.49 4.22
CA PRO A 325 21.66 -4.13 4.40
C PRO A 325 22.06 -4.14 5.87
N ASN A 326 23.33 -4.46 6.15
CA ASN A 326 23.85 -4.26 7.49
C ASN A 326 23.60 -2.81 7.91
N GLY A 327 23.07 -2.65 9.13
CA GLY A 327 22.75 -1.34 9.70
C GLY A 327 21.30 -0.89 9.52
N TYR A 328 20.47 -1.67 8.83
CA TYR A 328 19.11 -1.22 8.44
C TYR A 328 18.24 -0.93 9.67
N ASN A 329 17.37 0.06 9.53
CA ASN A 329 16.48 0.42 10.58
C ASN A 329 17.34 0.75 11.81
N ASP A 330 17.25 -0.05 12.86
CA ASP A 330 17.85 0.33 14.13
C ASP A 330 19.35 -0.02 14.20
N GLY A 331 19.96 -0.53 13.11
CA GLY A 331 21.27 -1.20 13.15
C GLY A 331 21.19 -2.71 12.93
N TYR A 332 20.22 -3.17 12.12
CA TYR A 332 19.97 -4.62 11.97
C TYR A 332 21.08 -5.28 11.13
N ASN A 333 21.63 -6.38 11.64
CA ASN A 333 22.85 -6.93 11.07
C ASN A 333 22.72 -8.43 10.74
N LEU A 334 21.47 -8.96 10.76
CA LEU A 334 21.25 -10.40 10.50
C LEU A 334 20.63 -10.69 9.13
N GLY A 335 20.74 -9.75 8.19
CA GLY A 335 20.55 -10.03 6.80
C GLY A 335 21.56 -11.03 6.30
N CYS A 336 21.49 -11.40 5.03
CA CYS A 336 22.48 -12.27 4.41
C CYS A 336 22.82 -11.76 3.00
N PHE A 337 22.88 -10.43 2.89
CA PHE A 337 23.34 -9.72 1.72
C PHE A 337 24.59 -8.88 2.10
N ASP A 338 25.47 -8.68 1.12
CA ASP A 338 26.60 -7.72 1.27
C ASP A 338 26.80 -7.07 -0.11
N ASN A 339 27.09 -5.77 -0.10
CA ASN A 339 27.14 -4.97 -1.31
C ASN A 339 25.86 -5.18 -2.13
N ASN A 340 24.70 -5.18 -1.43
CA ASN A 340 23.39 -5.18 -2.05
C ASN A 340 23.14 -6.48 -2.82
N ALA A 341 23.90 -7.53 -2.50
CA ALA A 341 23.73 -8.78 -3.19
C ALA A 341 23.81 -9.92 -2.18
N PRO A 342 23.13 -11.07 -2.44
CA PRO A 342 23.23 -12.25 -1.58
C PRO A 342 24.69 -12.67 -1.33
N THR A 343 25.01 -13.03 -0.08
CA THR A 343 26.24 -13.75 0.30
C THR A 343 26.00 -15.22 -0.07
N ILE A 344 26.91 -16.10 0.35
CA ILE A 344 26.77 -17.57 0.10
C ILE A 344 25.76 -18.22 1.05
N ALA A 345 25.20 -17.45 1.97
CA ALA A 345 24.38 -18.03 3.03
C ALA A 345 23.24 -18.86 2.42
N LEU A 346 22.54 -18.28 1.44
CA LEU A 346 21.39 -18.98 0.89
C LEU A 346 21.79 -19.95 -0.24
N ASP A 347 23.09 -20.21 -0.41
CA ASP A 347 23.52 -21.29 -1.28
C ASP A 347 22.91 -22.61 -0.78
N ALA A 348 22.68 -22.71 0.53
CA ALA A 348 21.97 -23.82 1.14
C ALA A 348 20.63 -24.12 0.44
N PHE A 349 19.98 -23.09 -0.16
CA PHE A 349 18.65 -23.21 -0.77
C PHE A 349 18.72 -23.57 -2.27
N LYS A 350 19.90 -23.60 -2.89
CA LYS A 350 19.99 -23.58 -4.39
C LYS A 350 19.94 -25.00 -4.96
N GLU B 40 3.43 9.41 -26.60
CA GLU B 40 2.42 9.71 -25.54
C GLU B 40 2.69 11.13 -24.99
N GLU B 41 2.50 12.13 -25.86
CA GLU B 41 2.64 13.55 -25.51
C GLU B 41 1.47 14.31 -26.15
N GLY B 42 1.30 15.57 -25.76
CA GLY B 42 0.09 16.29 -26.05
C GLY B 42 -1.08 15.83 -25.19
N PHE B 43 -2.25 15.69 -25.80
CA PHE B 43 -3.53 15.76 -25.09
C PHE B 43 -3.68 14.56 -24.15
N ALA B 44 -4.00 14.85 -22.90
CA ALA B 44 -4.17 13.83 -21.87
C ALA B 44 -5.63 13.33 -21.86
N ARG B 45 -5.83 12.07 -22.26
CA ARG B 45 -7.12 11.36 -22.11
C ARG B 45 -7.02 10.50 -20.83
N GLY B 46 -7.50 11.06 -19.73
CA GLY B 46 -7.10 10.59 -18.42
C GLY B 46 -8.21 9.92 -17.63
N ALA B 47 -7.81 9.22 -16.57
CA ALA B 47 -8.70 8.75 -15.53
C ALA B 47 -8.02 8.88 -14.17
N ASP B 48 -8.75 9.44 -13.18
CA ASP B 48 -8.38 9.29 -11.78
C ASP B 48 -8.97 7.95 -11.30
N VAL B 49 -8.11 6.97 -10.97
CA VAL B 49 -8.56 5.63 -10.48
C VAL B 49 -8.00 5.38 -9.09
N SER B 50 -8.01 6.40 -8.25
CA SER B 50 -7.43 6.32 -6.93
C SER B 50 -8.04 5.19 -6.09
N TRP B 51 -9.38 5.06 -6.18
CA TRP B 51 -10.19 4.06 -5.46
C TRP B 51 -9.78 2.63 -5.81
N LEU B 52 -8.97 2.46 -6.85
CA LEU B 52 -8.88 1.16 -7.46
C LEU B 52 -8.33 0.07 -6.52
N THR B 53 -7.26 0.37 -5.77
CA THR B 53 -6.66 -0.63 -4.88
C THR B 53 -7.68 -1.05 -3.82
N GLN B 54 -8.43 -0.06 -3.31
CA GLN B 54 -9.51 -0.31 -2.33
C GLN B 54 -10.59 -1.22 -2.94
N MET B 55 -11.00 -0.91 -4.17
CA MET B 55 -12.03 -1.65 -4.85
C MET B 55 -11.58 -3.08 -5.12
N GLU B 56 -10.29 -3.26 -5.50
CA GLU B 56 -9.74 -4.60 -5.77
C GLU B 56 -9.80 -5.42 -4.48
N ALA B 57 -9.37 -4.79 -3.39
CA ALA B 57 -9.34 -5.42 -2.06
C ALA B 57 -10.76 -5.89 -1.67
N GLU B 58 -11.77 -5.09 -2.02
CA GLU B 58 -13.18 -5.34 -1.70
C GLU B 58 -13.77 -6.39 -2.65
N GLY B 59 -13.08 -6.69 -3.76
CA GLY B 59 -13.48 -7.76 -4.62
C GLY B 59 -14.13 -7.34 -5.92
N LEU B 60 -14.19 -6.03 -6.21
CA LEU B 60 -14.73 -5.51 -7.48
C LEU B 60 -13.86 -6.00 -8.64
N LYS B 61 -14.54 -6.41 -9.71
CA LYS B 61 -13.98 -6.85 -10.97
C LYS B 61 -14.56 -5.99 -12.09
N PHE B 62 -13.78 -5.88 -13.19
CA PHE B 62 -14.13 -5.08 -14.37
C PHE B 62 -13.96 -5.93 -15.63
N TYR B 63 -14.82 -5.66 -16.61
CA TYR B 63 -14.96 -6.49 -17.80
C TYR B 63 -14.93 -5.62 -19.06
N THR B 64 -14.53 -6.25 -20.19
CA THR B 64 -14.57 -5.63 -21.50
C THR B 64 -16.03 -5.38 -21.91
N PRO B 65 -16.33 -4.23 -22.55
CA PRO B 65 -17.71 -3.91 -22.94
C PRO B 65 -18.15 -4.53 -24.28
N ASP B 66 -18.21 -5.85 -24.34
CA ASP B 66 -18.45 -6.59 -25.58
C ASP B 66 -18.93 -7.99 -25.20
N GLU B 67 -19.29 -8.79 -26.21
CA GLU B 67 -19.78 -10.16 -25.98
C GLU B 67 -18.65 -11.01 -25.38
N ASN B 68 -17.40 -10.65 -25.68
CA ASN B 68 -16.23 -11.31 -25.10
C ASN B 68 -16.30 -11.20 -23.57
N ARG B 69 -16.70 -10.03 -23.08
CA ARG B 69 -16.95 -9.82 -21.66
C ARG B 69 -15.85 -10.51 -20.83
N GLN B 70 -14.61 -10.04 -20.95
CA GLN B 70 -13.58 -10.71 -20.20
C GLN B 70 -13.02 -9.79 -19.11
N GLU B 71 -12.76 -10.42 -17.97
CA GLU B 71 -12.27 -9.77 -16.76
C GLU B 71 -10.91 -9.11 -17.03
N MET B 72 -10.74 -7.85 -16.65
CA MET B 72 -9.46 -7.15 -16.88
C MET B 72 -9.09 -6.29 -15.67
N GLU B 73 -7.78 -6.22 -15.42
CA GLU B 73 -7.29 -5.24 -14.52
C GLU B 73 -7.72 -3.89 -15.08
N CYS B 74 -8.12 -2.97 -14.21
CA CYS B 74 -8.88 -1.80 -14.58
C CYS B 74 -8.09 -0.84 -15.48
N MET B 75 -6.91 -0.44 -15.02
CA MET B 75 -6.04 0.48 -15.79
C MET B 75 -5.87 -0.01 -17.23
N ASP B 76 -5.60 -1.31 -17.38
CA ASP B 76 -5.36 -1.95 -18.66
C ASP B 76 -6.64 -1.96 -19.51
N LEU B 77 -7.79 -2.22 -18.87
CA LEU B 77 -9.13 -2.14 -19.49
C LEU B 77 -9.35 -0.74 -20.07
N LEU B 78 -9.06 0.30 -19.27
CA LEU B 78 -9.27 1.69 -19.67
C LEU B 78 -8.36 2.07 -20.84
N ARG B 79 -7.08 1.68 -20.76
CA ARG B 79 -6.12 1.90 -21.82
C ARG B 79 -6.57 1.24 -23.13
N ASP B 80 -6.99 -0.03 -23.06
CA ASP B 80 -7.20 -0.85 -24.22
C ASP B 80 -8.58 -0.59 -24.85
N TYR B 81 -9.56 -0.20 -24.03
CA TYR B 81 -10.92 -0.10 -24.46
C TYR B 81 -11.50 1.31 -24.35
N CYS B 82 -10.90 2.23 -23.59
CA CYS B 82 -11.50 3.56 -23.30
C CYS B 82 -10.59 4.74 -23.68
N GLY B 83 -9.54 4.46 -24.46
CA GLY B 83 -8.65 5.48 -25.03
C GLY B 83 -7.89 6.27 -23.98
N VAL B 84 -7.72 5.69 -22.78
CA VAL B 84 -7.08 6.37 -21.70
C VAL B 84 -5.55 6.25 -21.90
N ASN B 85 -4.84 7.38 -21.70
CA ASN B 85 -3.40 7.45 -21.85
C ASN B 85 -2.76 8.02 -20.61
N SER B 86 -3.58 8.50 -19.67
CA SER B 86 -3.12 9.15 -18.43
C SER B 86 -3.90 8.67 -17.20
N ILE B 87 -3.24 8.75 -16.03
CA ILE B 87 -3.79 8.30 -14.75
C ILE B 87 -3.52 9.40 -13.71
N ARG B 88 -4.55 9.79 -12.97
CA ARG B 88 -4.46 10.72 -11.85
C ARG B 88 -4.65 9.96 -10.53
N LEU B 89 -3.86 10.35 -9.52
CA LEU B 89 -3.87 9.73 -8.19
C LEU B 89 -3.82 10.80 -7.11
N ARG B 90 -4.72 10.69 -6.12
CA ARG B 90 -4.76 11.64 -5.01
C ARG B 90 -3.82 11.12 -3.93
N VAL B 91 -3.33 12.06 -3.11
CA VAL B 91 -2.45 11.76 -2.02
C VAL B 91 -3.03 12.33 -0.72
N TRP B 92 -3.27 11.46 0.25
CA TRP B 92 -3.52 11.85 1.65
C TRP B 92 -2.28 11.57 2.50
N VAL B 93 -2.12 12.32 3.58
CA VAL B 93 -0.88 12.36 4.35
C VAL B 93 -0.84 11.19 5.33
N ASN B 94 -1.79 11.15 6.27
CA ASN B 94 -1.85 10.13 7.34
C ASN B 94 -3.23 9.49 7.34
N PRO B 95 -3.71 8.90 6.21
CA PRO B 95 -5.10 8.44 6.12
C PRO B 95 -5.27 7.20 7.01
N LYS B 96 -6.39 7.15 7.74
CA LYS B 96 -6.59 6.19 8.83
C LYS B 96 -6.57 4.76 8.29
N ASP B 97 -7.10 4.55 7.08
CA ASP B 97 -7.16 3.22 6.51
C ASP B 97 -6.06 3.01 5.45
N GLY B 98 -5.03 3.87 5.45
CA GLY B 98 -3.87 3.78 4.56
C GLY B 98 -4.14 4.17 3.10
N TRP B 99 -5.38 4.06 2.62
CA TRP B 99 -5.68 4.35 1.21
C TRP B 99 -5.27 5.78 0.85
N ASN B 100 -4.57 5.91 -0.29
CA ASN B 100 -4.10 7.17 -0.88
C ASN B 100 -2.87 7.71 -0.16
N ASN B 101 -2.28 6.97 0.80
CA ASN B 101 -1.00 7.36 1.38
C ASN B 101 0.06 7.17 0.31
N MET B 102 1.29 7.57 0.62
CA MET B 102 2.44 7.43 -0.26
C MET B 102 2.55 6.01 -0.81
N ASN B 103 2.48 5.02 0.10
CA ASN B 103 2.74 3.61 -0.21
C ASN B 103 1.79 3.18 -1.33
N ASP B 104 0.50 3.48 -1.14
CA ASP B 104 -0.57 3.16 -2.03
C ASP B 104 -0.42 3.93 -3.36
N VAL B 105 -0.08 5.22 -3.31
CA VAL B 105 0.10 6.01 -4.53
C VAL B 105 1.24 5.40 -5.33
N ILE B 106 2.31 4.98 -4.64
CA ILE B 106 3.42 4.30 -5.32
C ILE B 106 2.89 3.08 -6.10
N VAL B 107 2.10 2.21 -5.45
CA VAL B 107 1.60 1.00 -6.11
C VAL B 107 0.90 1.35 -7.43
N LYS B 108 -0.05 2.28 -7.37
CA LYS B 108 -0.89 2.60 -8.52
C LYS B 108 -0.06 3.33 -9.59
N ALA B 109 0.83 4.23 -9.17
CA ALA B 109 1.68 4.95 -10.12
C ALA B 109 2.62 3.98 -10.83
N LYS B 110 3.27 3.08 -10.09
CA LYS B 110 4.10 2.06 -10.75
C LYS B 110 3.27 1.28 -11.75
N ARG B 111 2.02 0.93 -11.38
CA ARG B 111 1.17 0.13 -12.29
C ARG B 111 0.89 0.91 -13.58
N ALA B 112 0.59 2.19 -13.45
CA ALA B 112 0.30 3.04 -14.61
C ALA B 112 1.55 3.16 -15.50
N GLU B 113 2.69 3.48 -14.87
CA GLU B 113 4.00 3.59 -15.52
C GLU B 113 4.25 2.33 -16.35
N ARG B 114 4.02 1.15 -15.75
CA ARG B 114 4.28 -0.12 -16.42
C ARG B 114 3.37 -0.31 -17.65
N LEU B 115 2.17 0.29 -17.67
CA LEU B 115 1.30 0.20 -18.85
C LEU B 115 1.58 1.32 -19.84
N GLY B 116 2.60 2.13 -19.54
CA GLY B 116 3.05 3.24 -20.35
C GLY B 116 2.12 4.44 -20.25
N LEU B 117 1.41 4.59 -19.15
CA LEU B 117 0.48 5.69 -18.97
C LEU B 117 1.19 6.79 -18.21
N ARG B 118 0.86 8.05 -18.53
CA ARG B 118 1.45 9.24 -17.93
C ARG B 118 0.70 9.51 -16.63
N THR B 119 1.40 10.04 -15.61
CA THR B 119 0.80 10.15 -14.29
C THR B 119 0.74 11.61 -13.84
N MET B 120 -0.35 11.91 -13.13
CA MET B 120 -0.59 13.13 -12.37
C MET B 120 -0.73 12.74 -10.91
N ILE B 121 0.05 13.40 -10.04
CA ILE B 121 -0.04 13.19 -8.62
C ILE B 121 -0.73 14.42 -8.02
N ASP B 122 -1.84 14.19 -7.31
CA ASP B 122 -2.68 15.24 -6.78
C ASP B 122 -2.64 15.23 -5.26
N PHE B 123 -1.93 16.22 -4.72
CA PHE B 123 -1.72 16.38 -3.31
C PHE B 123 -2.89 17.17 -2.70
N HIS B 124 -3.59 16.53 -1.76
CA HIS B 124 -4.73 17.07 -1.11
C HIS B 124 -4.29 17.89 0.10
N PHE B 125 -3.11 17.63 0.65
CA PHE B 125 -2.68 18.28 1.85
C PHE B 125 -3.74 18.12 2.93
N SER B 126 -4.20 16.87 3.11
CA SER B 126 -5.21 16.48 4.10
C SER B 126 -5.06 14.99 4.39
N ASP B 127 -5.68 14.52 5.49
CA ASP B 127 -5.75 13.06 5.76
C ASP B 127 -6.95 12.44 5.04
N THR B 128 -7.82 13.30 4.48
CA THR B 128 -9.11 12.89 3.96
C THR B 128 -9.46 13.76 2.78
N TRP B 129 -10.68 13.59 2.23
CA TRP B 129 -11.11 14.33 1.02
C TRP B 129 -10.94 15.84 1.23
N ALA B 130 -10.15 16.45 0.34
CA ALA B 130 -10.08 17.92 0.16
C ALA B 130 -11.06 18.32 -0.94
N ASP B 131 -12.02 19.20 -0.64
CA ASP B 131 -12.94 19.69 -1.66
C ASP B 131 -13.33 21.12 -1.31
N PRO B 132 -14.16 21.81 -2.14
CA PRO B 132 -14.45 23.22 -1.88
C PRO B 132 -15.03 23.47 -0.48
N GLY B 133 -15.73 22.50 0.12
CA GLY B 133 -16.27 22.65 1.46
C GLY B 133 -15.42 22.05 2.56
N HIS B 134 -14.30 21.39 2.23
CA HIS B 134 -13.47 20.69 3.24
C HIS B 134 -12.01 20.77 2.84
N GLN B 135 -11.24 21.63 3.52
CA GLN B 135 -9.82 21.75 3.22
C GLN B 135 -9.07 21.68 4.54
N GLU B 136 -9.22 20.52 5.19
CA GLU B 136 -8.69 20.25 6.51
C GLU B 136 -7.26 19.69 6.41
N MET B 137 -6.31 20.40 6.99
CA MET B 137 -4.95 19.97 6.95
C MET B 137 -4.86 18.65 7.70
N PRO B 138 -3.73 17.91 7.58
CA PRO B 138 -3.57 16.63 8.27
C PRO B 138 -3.57 16.90 9.78
N GLU B 139 -4.20 16.00 10.55
CA GLU B 139 -4.35 16.19 11.98
C GLU B 139 -2.99 16.47 12.66
N ALA B 140 -1.92 15.87 12.16
CA ALA B 140 -0.62 15.98 12.81
C ALA B 140 0.09 17.29 12.45
N TRP B 141 -0.45 18.09 11.51
CA TRP B 141 0.17 19.42 11.20
C TRP B 141 -0.53 20.57 11.92
N LYS B 142 -1.73 20.31 12.48
CA LYS B 142 -2.60 21.33 13.12
C LYS B 142 -1.84 22.00 14.27
N GLU B 143 -0.88 21.22 14.77
CA GLU B 143 0.09 21.49 15.81
C GLU B 143 1.08 22.61 15.46
N LEU B 144 1.37 22.76 14.16
CA LEU B 144 2.61 23.38 13.70
C LEU B 144 2.46 24.90 13.51
N SER B 145 3.50 25.63 13.90
CA SER B 145 3.78 27.02 13.43
C SER B 145 3.65 27.10 11.91
N PHE B 146 3.42 28.32 11.38
CA PHE B 146 3.28 28.50 9.91
C PHE B 146 4.58 28.08 9.22
N ASP B 147 5.74 28.40 9.82
CA ASP B 147 7.05 28.02 9.24
C ASP B 147 7.13 26.50 9.14
N ASP B 148 6.76 25.81 10.24
CA ASP B 148 6.89 24.37 10.36
C ASP B 148 5.86 23.71 9.46
N LEU B 149 4.66 24.30 9.40
CA LEU B 149 3.64 23.86 8.45
C LEU B 149 4.20 23.92 7.02
N LYS B 150 4.94 25.00 6.71
CA LYS B 150 5.55 25.16 5.36
C LYS B 150 6.49 23.97 5.10
N ILE B 151 7.35 23.67 6.07
CA ILE B 151 8.38 22.64 5.96
C ILE B 151 7.72 21.26 5.88
N ALA B 152 6.62 21.05 6.63
CA ALA B 152 5.95 19.76 6.63
C ALA B 152 5.31 19.48 5.28
N LEU B 153 4.69 20.52 4.70
CA LEU B 153 4.09 20.42 3.38
C LEU B 153 5.19 20.04 2.37
N SER B 154 6.26 20.83 2.37
CA SER B 154 7.39 20.66 1.48
C SER B 154 7.93 19.23 1.58
N GLU B 155 8.13 18.78 2.82
CA GLU B 155 8.76 17.47 3.09
C GLU B 155 7.84 16.33 2.61
N HIS B 156 6.53 16.52 2.76
CA HIS B 156 5.58 15.52 2.31
C HIS B 156 5.70 15.37 0.79
N VAL B 157 5.69 16.52 0.09
CA VAL B 157 5.75 16.57 -1.34
C VAL B 157 7.07 15.90 -1.80
N LYS B 158 8.20 16.28 -1.18
CA LYS B 158 9.52 15.73 -1.56
C LYS B 158 9.55 14.22 -1.28
N SER B 159 9.08 13.80 -0.09
CA SER B 159 9.05 12.38 0.25
C SER B 159 8.35 11.59 -0.84
N VAL B 160 7.14 12.03 -1.19
CA VAL B 160 6.35 11.30 -2.14
C VAL B 160 7.03 11.30 -3.50
N LEU B 161 7.51 12.47 -3.94
CA LEU B 161 8.08 12.55 -5.31
C LEU B 161 9.40 11.75 -5.36
N THR B 162 10.16 11.76 -4.26
CA THR B 162 11.46 11.06 -4.19
C THR B 162 11.25 9.54 -4.24
N ALA B 163 10.31 9.07 -3.42
CA ALA B 163 9.93 7.65 -3.48
C ALA B 163 9.56 7.25 -4.91
N LEU B 164 8.70 8.04 -5.57
CA LEU B 164 8.22 7.76 -6.93
C LEU B 164 9.41 7.65 -7.89
N LYS B 165 10.32 8.61 -7.81
CA LYS B 165 11.53 8.60 -8.65
C LYS B 165 12.30 7.29 -8.45
N ALA B 166 12.45 6.88 -7.18
CA ALA B 166 13.23 5.71 -6.84
C ALA B 166 12.66 4.46 -7.51
N VAL B 167 11.33 4.40 -7.66
CA VAL B 167 10.70 3.25 -8.30
C VAL B 167 10.44 3.49 -9.79
N GLY B 168 10.99 4.57 -10.36
CA GLY B 168 11.04 4.79 -11.82
C GLY B 168 9.80 5.49 -12.34
N VAL B 169 9.15 6.30 -11.50
CA VAL B 169 7.98 7.07 -11.94
C VAL B 169 8.31 8.56 -11.85
N THR B 170 8.21 9.25 -12.98
CA THR B 170 8.28 10.73 -13.01
C THR B 170 6.93 11.25 -13.48
N PRO B 171 6.11 11.84 -12.60
CA PRO B 171 4.81 12.38 -13.00
C PRO B 171 5.02 13.61 -13.90
N GLU B 172 4.18 13.71 -14.93
CA GLU B 172 4.14 14.79 -15.90
C GLU B 172 3.50 16.02 -15.24
N TRP B 173 2.52 15.78 -14.35
CA TRP B 173 1.80 16.87 -13.66
C TRP B 173 1.69 16.52 -12.18
N VAL B 174 1.73 17.56 -11.34
CA VAL B 174 1.48 17.46 -9.93
C VAL B 174 0.49 18.57 -9.60
N GLN B 175 -0.61 18.23 -8.92
CA GLN B 175 -1.49 19.25 -8.31
C GLN B 175 -0.95 19.62 -6.93
N VAL B 176 -0.90 20.92 -6.67
CA VAL B 176 -0.63 21.47 -5.36
C VAL B 176 -1.99 21.91 -4.81
N GLY B 177 -2.63 20.94 -4.16
CA GLY B 177 -3.99 21.04 -3.62
C GLY B 177 -4.98 20.46 -4.59
N ASN B 178 -6.21 20.26 -4.09
CA ASN B 178 -7.29 19.65 -4.84
C ASN B 178 -8.59 20.46 -4.58
N GLU B 179 -9.16 20.99 -5.66
CA GLU B 179 -10.37 21.82 -5.67
C GLU B 179 -10.25 22.83 -4.53
N THR B 180 -9.14 23.57 -4.53
CA THR B 180 -8.80 24.57 -3.56
C THR B 180 -9.53 25.89 -3.89
N THR B 181 -10.78 25.81 -4.37
CA THR B 181 -11.59 27.01 -4.65
C THR B 181 -11.56 28.01 -3.49
N PRO B 182 -11.71 27.60 -2.21
CA PRO B 182 -11.63 28.52 -1.08
C PRO B 182 -10.23 28.73 -0.49
N GLY B 183 -9.20 28.15 -1.12
CA GLY B 183 -7.95 27.95 -0.46
C GLY B 183 -7.74 26.50 -0.07
N MET B 184 -6.69 26.29 0.72
CA MET B 184 -6.26 24.98 1.16
C MET B 184 -5.94 25.10 2.65
N MET B 185 -5.98 23.97 3.35
CA MET B 185 -5.57 23.90 4.74
C MET B 185 -6.18 25.09 5.50
N LEU B 186 -7.51 25.24 5.34
CA LEU B 186 -8.30 26.32 5.96
C LEU B 186 -8.22 26.20 7.48
N PRO B 187 -8.22 27.33 8.19
CA PRO B 187 -8.32 28.69 7.66
C PRO B 187 -7.00 29.27 7.11
N VAL B 188 -5.87 28.61 7.42
CA VAL B 188 -4.50 29.12 7.21
C VAL B 188 -4.30 29.50 5.75
N GLY B 189 -4.70 28.62 4.83
CA GLY B 189 -4.48 28.80 3.40
C GLY B 189 -5.73 29.24 2.68
N SER B 190 -6.55 30.01 3.40
CA SER B 190 -7.77 30.61 2.89
C SER B 190 -7.41 31.68 1.85
N VAL B 191 -8.27 31.83 0.82
CA VAL B 191 -8.14 32.93 -0.14
C VAL B 191 -8.17 34.23 0.64
N ASP B 192 -8.87 34.20 1.79
CA ASP B 192 -8.98 35.34 2.73
C ASP B 192 -7.67 35.61 3.48
N ASN B 193 -6.64 34.78 3.29
CA ASN B 193 -5.28 35.09 3.77
C ASN B 193 -4.31 34.93 2.59
N PRO B 194 -4.32 35.85 1.61
CA PRO B 194 -3.69 35.60 0.33
C PRO B 194 -2.18 35.32 0.46
N GLU B 195 -1.54 35.91 1.47
CA GLU B 195 -0.09 35.81 1.62
C GLU B 195 0.32 34.40 2.11
N GLN B 196 -0.36 33.91 3.14
CA GLN B 196 -0.12 32.57 3.67
C GLN B 196 -0.47 31.53 2.60
N LEU B 197 -1.65 31.66 1.98
CA LEU B 197 -2.05 30.74 0.91
C LEU B 197 -0.98 30.73 -0.19
N THR B 198 -0.50 31.92 -0.60
CA THR B 198 0.45 31.99 -1.71
C THR B 198 1.77 31.31 -1.31
N ALA B 199 2.20 31.50 -0.07
CA ALA B 199 3.44 30.90 0.45
C ALA B 199 3.35 29.37 0.60
N LEU B 200 2.17 28.87 0.96
CA LEU B 200 1.94 27.41 1.01
C LEU B 200 1.98 26.85 -0.41
N ASN B 201 1.29 27.54 -1.33
CA ASN B 201 1.31 27.19 -2.74
C ASN B 201 2.77 27.07 -3.21
N ASN B 202 3.56 28.11 -2.93
CA ASN B 202 4.95 28.25 -3.40
C ASN B 202 5.85 27.17 -2.75
N ALA B 203 5.73 26.95 -1.44
CA ALA B 203 6.40 25.83 -0.75
C ALA B 203 6.11 24.53 -1.51
N GLY B 204 4.84 24.35 -1.91
CA GLY B 204 4.43 23.18 -2.67
C GLY B 204 5.08 23.16 -4.05
N TYR B 205 4.99 24.29 -4.75
CA TYR B 205 5.59 24.37 -6.09
C TYR B 205 7.08 24.02 -6.02
N ASP B 206 7.75 24.62 -5.04
CA ASP B 206 9.19 24.57 -4.94
C ASP B 206 9.62 23.14 -4.64
N ALA B 207 8.79 22.44 -3.84
CA ALA B 207 9.07 21.07 -3.48
C ALA B 207 8.95 20.18 -4.71
N VAL B 208 7.99 20.48 -5.59
CA VAL B 208 7.79 19.66 -6.78
C VAL B 208 9.02 19.82 -7.69
N LYS B 209 9.39 21.09 -7.97
CA LYS B 209 10.51 21.40 -8.87
C LYS B 209 11.81 20.79 -8.32
N ALA B 210 11.97 20.79 -6.99
CA ALA B 210 13.20 20.31 -6.38
C ALA B 210 13.43 18.83 -6.71
N ILE B 211 12.34 18.06 -6.82
CA ILE B 211 12.39 16.65 -7.12
C ILE B 211 12.19 16.41 -8.61
N CYS B 212 11.19 17.09 -9.20
CA CYS B 212 10.75 16.81 -10.61
C CYS B 212 10.72 18.15 -11.36
N PRO B 213 11.89 18.64 -11.86
CA PRO B 213 11.97 19.99 -12.38
C PRO B 213 11.12 20.20 -13.64
N ASP B 214 10.77 19.12 -14.34
CA ASP B 214 9.94 19.20 -15.53
C ASP B 214 8.43 18.98 -15.27
N ALA B 215 8.04 18.73 -14.01
CA ALA B 215 6.63 18.41 -13.74
C ALA B 215 5.81 19.71 -13.77
N LYS B 216 4.68 19.68 -14.48
CA LYS B 216 3.83 20.84 -14.60
C LYS B 216 2.94 20.91 -13.35
N VAL B 217 3.02 22.02 -12.63
CA VAL B 217 2.34 22.21 -11.38
C VAL B 217 0.98 22.86 -11.68
N ILE B 218 -0.09 22.16 -11.25
CA ILE B 218 -1.48 22.57 -11.41
C ILE B 218 -2.00 23.10 -10.08
N VAL B 219 -2.69 24.25 -10.16
CA VAL B 219 -3.57 24.74 -9.12
C VAL B 219 -4.98 24.45 -9.63
N HIS B 220 -5.72 23.65 -8.87
CA HIS B 220 -6.96 23.03 -9.35
C HIS B 220 -8.13 23.59 -8.57
N LEU B 221 -9.17 24.07 -9.26
CA LEU B 221 -10.42 24.53 -8.60
C LEU B 221 -11.63 23.76 -9.15
N ASP B 222 -12.74 23.84 -8.42
CA ASP B 222 -13.96 23.27 -8.92
C ASP B 222 -14.61 24.28 -9.88
N ALA B 223 -15.84 23.97 -10.32
CA ALA B 223 -16.74 24.92 -10.96
C ALA B 223 -16.04 25.65 -12.11
N GLY B 224 -15.51 24.88 -13.08
CA GLY B 224 -14.83 25.37 -14.29
C GLY B 224 -15.74 26.18 -15.21
N ASN B 225 -17.06 26.10 -14.98
CA ASN B 225 -18.08 26.95 -15.63
C ASN B 225 -17.97 28.40 -15.15
N ASP B 226 -17.41 28.60 -13.96
CA ASP B 226 -17.55 29.82 -13.19
C ASP B 226 -16.25 30.65 -13.15
N GLN B 227 -16.16 31.65 -14.04
CA GLN B 227 -15.00 32.55 -14.18
C GLN B 227 -14.64 33.24 -12.85
N TRP B 228 -15.67 33.49 -12.04
CA TRP B 228 -15.58 34.25 -10.81
C TRP B 228 -14.51 33.69 -9.85
N VAL B 229 -14.54 32.38 -9.60
CA VAL B 229 -13.68 31.78 -8.58
C VAL B 229 -12.26 31.64 -9.15
N TYR B 230 -12.12 31.64 -10.48
CA TYR B 230 -10.78 31.58 -11.10
C TYR B 230 -10.10 32.95 -10.99
N ASN B 231 -10.82 34.03 -11.37
CA ASN B 231 -10.32 35.42 -11.21
C ASN B 231 -9.82 35.60 -9.77
N ARG B 232 -10.59 35.08 -8.80
CA ARG B 232 -10.34 35.26 -7.37
C ARG B 232 -9.01 34.62 -6.94
N MET B 233 -8.78 33.37 -7.37
CA MET B 233 -7.58 32.61 -6.94
C MET B 233 -6.35 33.14 -7.68
N PHE B 234 -6.46 33.19 -9.00
CA PHE B 234 -5.35 33.50 -9.86
C PHE B 234 -5.00 35.00 -9.82
N ASP B 235 -5.89 35.88 -9.34
CA ASP B 235 -5.48 37.27 -9.06
C ASP B 235 -4.70 37.30 -7.76
N ILE B 236 -5.13 36.51 -6.77
CA ILE B 236 -4.38 36.38 -5.54
C ILE B 236 -2.97 35.84 -5.85
N LEU B 237 -2.85 34.83 -6.72
CA LEU B 237 -1.53 34.24 -6.97
C LEU B 237 -0.68 35.19 -7.82
N GLN B 238 -1.27 35.77 -8.87
CA GLN B 238 -0.53 36.66 -9.75
C GLN B 238 0.04 37.84 -8.95
N ALA B 239 -0.75 38.39 -8.01
CA ALA B 239 -0.39 39.59 -7.29
C ALA B 239 0.53 39.29 -6.10
N ASN B 240 0.76 38.02 -5.77
CA ASN B 240 1.56 37.68 -4.59
C ASN B 240 2.82 36.88 -4.99
N GLY B 241 3.13 36.80 -6.29
CA GLY B 241 4.26 36.02 -6.75
C GLY B 241 4.02 34.53 -6.58
N GLY B 242 2.79 34.10 -6.85
CA GLY B 242 2.42 32.71 -6.77
C GLY B 242 2.88 31.94 -8.00
N LYS B 243 3.51 30.79 -7.79
CA LYS B 243 4.04 30.00 -8.87
C LYS B 243 3.05 28.86 -9.17
N TYR B 244 2.76 28.68 -10.49
CA TYR B 244 1.94 27.58 -10.99
C TYR B 244 2.17 27.49 -12.50
N ASP B 245 2.11 26.29 -13.07
CA ASP B 245 2.37 26.12 -14.48
C ASP B 245 1.05 26.02 -15.26
N MET B 246 -0.03 25.66 -14.54
CA MET B 246 -1.22 25.17 -15.21
C MET B 246 -2.45 25.36 -14.29
N ILE B 247 -3.58 25.73 -14.92
CA ILE B 247 -4.85 25.94 -14.25
C ILE B 247 -5.67 24.68 -14.44
N GLY B 248 -6.12 24.09 -13.32
CA GLY B 248 -6.93 22.89 -13.35
C GLY B 248 -8.37 23.19 -12.97
N MET B 249 -9.31 22.49 -13.64
CA MET B 249 -10.73 22.65 -13.48
C MET B 249 -11.42 21.29 -13.23
N SER B 250 -12.42 21.28 -12.34
CA SER B 250 -13.46 20.25 -12.34
C SER B 250 -14.63 20.75 -13.18
N LEU B 251 -15.22 19.84 -13.98
CA LEU B 251 -16.50 20.05 -14.64
C LEU B 251 -17.41 18.84 -14.38
N TYR B 252 -18.43 19.07 -13.54
CA TYR B 252 -19.53 18.15 -13.36
C TYR B 252 -20.84 18.92 -13.59
N PRO B 253 -21.35 18.97 -14.85
CA PRO B 253 -22.43 19.90 -15.17
C PRO B 253 -23.88 19.46 -14.86
N TYR B 254 -24.10 18.20 -14.45
CA TYR B 254 -25.47 17.68 -14.43
C TYR B 254 -26.29 18.32 -13.30
N TRP B 255 -25.62 18.79 -12.25
CA TRP B 255 -26.29 19.41 -11.14
C TRP B 255 -27.26 20.50 -11.62
N ALA B 256 -26.90 21.22 -12.70
CA ALA B 256 -27.72 22.31 -13.23
C ALA B 256 -29.01 21.74 -13.84
N GLU B 257 -28.92 20.54 -14.42
CA GLU B 257 -30.08 19.85 -14.99
C GLU B 257 -31.02 19.43 -13.85
N GLN B 258 -30.43 18.88 -12.79
CA GLN B 258 -31.11 18.38 -11.61
C GLN B 258 -31.74 19.55 -10.82
N GLU B 259 -31.04 20.69 -10.74
CA GLU B 259 -31.45 21.84 -9.91
C GLU B 259 -32.33 22.82 -10.69
N GLY B 260 -32.61 22.52 -11.96
CA GLY B 260 -33.55 23.27 -12.78
C GLY B 260 -33.05 24.66 -13.16
N LYS B 261 -31.74 24.89 -13.13
CA LYS B 261 -31.07 26.13 -13.60
C LYS B 261 -31.22 26.31 -15.12
N THR B 262 -31.37 27.58 -15.52
CA THR B 262 -31.61 27.94 -16.93
C THR B 262 -30.43 27.38 -17.75
N GLY B 263 -30.75 26.71 -18.87
CA GLY B 263 -29.73 26.16 -19.79
C GLY B 263 -29.27 24.75 -19.42
N GLY B 264 -29.50 24.33 -18.17
CA GLY B 264 -29.23 22.95 -17.77
C GLY B 264 -27.74 22.63 -17.84
N TRP B 265 -27.39 21.37 -18.14
CA TRP B 265 -25.98 20.97 -18.06
C TRP B 265 -25.15 21.59 -19.21
N LEU B 266 -25.76 21.62 -20.40
CA LEU B 266 -25.23 22.22 -21.63
C LEU B 266 -24.67 23.62 -21.32
N LYS B 267 -25.46 24.44 -20.63
CA LYS B 267 -25.07 25.79 -20.26
C LYS B 267 -23.81 25.76 -19.38
N VAL B 268 -23.79 24.88 -18.38
CA VAL B 268 -22.68 24.85 -17.44
C VAL B 268 -21.40 24.66 -18.26
N ALA B 269 -21.42 23.69 -19.17
CA ALA B 269 -20.29 23.35 -20.01
C ALA B 269 -19.89 24.56 -20.87
N ASP B 270 -20.87 25.19 -21.52
CA ASP B 270 -20.58 26.35 -22.42
C ASP B 270 -19.92 27.49 -21.63
N ASP B 271 -20.36 27.69 -20.39
CA ASP B 271 -19.73 28.65 -19.47
C ASP B 271 -18.28 28.21 -19.18
N CYS B 272 -18.02 26.89 -19.23
CA CYS B 272 -16.67 26.39 -19.01
C CYS B 272 -15.82 26.61 -20.27
N ILE B 273 -16.35 26.33 -21.47
CA ILE B 273 -15.66 26.76 -22.73
C ILE B 273 -15.21 28.22 -22.57
N ALA B 274 -16.17 29.07 -22.18
CA ALA B 274 -15.99 30.52 -22.01
C ALA B 274 -14.85 30.80 -21.02
N ASN B 275 -14.91 30.16 -19.85
CA ASN B 275 -13.91 30.36 -18.81
C ASN B 275 -12.51 29.86 -19.28
N ILE B 276 -12.43 28.73 -20.00
CA ILE B 276 -11.13 28.23 -20.55
C ILE B 276 -10.43 29.38 -21.30
N LYS B 277 -11.14 29.97 -22.27
CA LYS B 277 -10.67 31.07 -23.13
C LYS B 277 -10.32 32.31 -22.29
N HIS B 278 -11.14 32.58 -21.27
CA HIS B 278 -10.95 33.69 -20.37
C HIS B 278 -9.61 33.58 -19.65
N VAL B 279 -9.39 32.47 -18.92
CA VAL B 279 -8.20 32.36 -18.04
C VAL B 279 -6.95 32.22 -18.90
N LYS B 280 -7.08 31.53 -20.04
CA LYS B 280 -6.01 31.43 -21.02
C LYS B 280 -5.52 32.83 -21.44
N GLN B 281 -6.44 33.70 -21.83
CA GLN B 281 -6.06 35.06 -22.28
C GLN B 281 -5.57 35.86 -21.05
N LYS B 282 -6.30 35.81 -19.94
CA LYS B 282 -6.00 36.69 -18.82
C LYS B 282 -4.67 36.35 -18.15
N TYR B 283 -4.29 35.07 -18.04
CA TYR B 283 -3.15 34.66 -17.19
C TYR B 283 -2.01 34.08 -18.02
N ASN B 284 -2.27 33.80 -19.31
CA ASN B 284 -1.26 33.25 -20.18
C ASN B 284 -0.83 31.89 -19.61
N LYS B 285 -1.81 31.05 -19.27
CA LYS B 285 -1.56 29.74 -18.72
C LYS B 285 -2.41 28.71 -19.45
N PRO B 286 -1.89 27.50 -19.64
CA PRO B 286 -2.65 26.39 -20.21
C PRO B 286 -3.67 25.90 -19.18
N VAL B 287 -4.67 25.15 -19.65
CA VAL B 287 -5.70 24.63 -18.79
C VAL B 287 -5.83 23.11 -18.96
N MET B 288 -6.00 22.42 -17.83
CA MET B 288 -6.30 20.99 -17.79
C MET B 288 -7.71 20.77 -17.21
N ILE B 289 -8.52 19.89 -17.84
CA ILE B 289 -9.76 19.43 -17.16
C ILE B 289 -9.33 18.25 -16.27
N CYS B 290 -9.04 18.57 -15.01
CA CYS B 290 -8.49 17.63 -14.03
C CYS B 290 -9.54 16.58 -13.58
N GLU B 291 -10.83 16.97 -13.57
CA GLU B 291 -11.96 16.11 -13.17
C GLU B 291 -13.19 16.38 -14.06
N ILE B 292 -13.69 15.34 -14.73
CA ILE B 292 -14.99 15.39 -15.43
C ILE B 292 -15.84 14.19 -14.98
N GLY B 293 -17.15 14.43 -14.88
CA GLY B 293 -18.10 13.37 -14.53
C GLY B 293 -19.55 13.74 -14.85
N MET B 294 -20.32 12.72 -15.25
CA MET B 294 -21.77 12.77 -15.49
C MET B 294 -22.37 11.48 -14.96
N PRO B 295 -23.70 11.41 -14.69
CA PRO B 295 -24.29 10.18 -14.16
C PRO B 295 -23.94 8.97 -15.02
N TYR B 296 -23.71 7.82 -14.36
CA TYR B 296 -23.38 6.59 -15.07
C TYR B 296 -24.47 6.25 -16.10
N ASP B 297 -25.72 6.66 -15.82
CA ASP B 297 -26.83 6.29 -16.69
C ASP B 297 -27.11 7.40 -17.72
N GLN B 298 -26.16 8.31 -17.92
CA GLN B 298 -26.25 9.35 -18.94
C GLN B 298 -25.04 9.22 -19.87
N ALA B 299 -24.84 8.02 -20.42
CA ALA B 299 -23.64 7.68 -21.19
C ALA B 299 -23.60 8.52 -22.48
N GLU B 300 -24.75 8.62 -23.16
CA GLU B 300 -24.85 9.34 -24.43
C GLU B 300 -24.45 10.81 -24.20
N ALA B 301 -25.04 11.44 -23.18
CA ALA B 301 -24.79 12.83 -22.85
C ALA B 301 -23.34 13.03 -22.41
N CYS B 302 -22.83 12.08 -21.63
CA CYS B 302 -21.44 12.12 -21.15
C CYS B 302 -20.46 12.11 -22.34
N LYS B 303 -20.65 11.17 -23.26
CA LYS B 303 -19.85 11.08 -24.49
C LYS B 303 -19.85 12.43 -25.21
N GLN B 304 -21.05 13.04 -25.27
CA GLN B 304 -21.31 14.31 -25.95
C GLN B 304 -20.60 15.43 -25.19
N LEU B 305 -20.60 15.35 -23.86
CA LEU B 305 -19.97 16.39 -23.03
C LEU B 305 -18.45 16.39 -23.27
N ILE B 306 -17.85 15.19 -23.22
CA ILE B 306 -16.42 15.07 -23.30
C ILE B 306 -15.99 15.40 -24.73
N THR B 307 -16.79 14.99 -25.73
CA THR B 307 -16.49 15.28 -27.15
C THR B 307 -16.40 16.80 -27.33
N LYS B 308 -17.33 17.49 -26.69
CA LYS B 308 -17.41 18.94 -26.76
C LYS B 308 -16.11 19.51 -26.17
N MET B 309 -15.84 19.15 -24.91
CA MET B 309 -14.75 19.76 -24.15
C MET B 309 -13.39 19.40 -24.77
N MET B 310 -13.32 18.32 -25.55
CA MET B 310 -12.06 17.95 -26.24
C MET B 310 -11.75 18.90 -27.41
N GLN B 311 -12.68 19.82 -27.72
CA GLN B 311 -12.53 20.80 -28.81
C GLN B 311 -12.31 22.20 -28.23
N ALA B 312 -12.34 22.30 -26.90
CA ALA B 312 -11.85 23.48 -26.21
C ALA B 312 -10.31 23.42 -26.18
N ASP B 313 -9.70 24.55 -25.81
CA ASP B 313 -8.26 24.68 -25.86
C ASP B 313 -7.70 24.25 -24.50
N VAL B 314 -7.82 22.94 -24.19
CA VAL B 314 -7.34 22.41 -22.91
C VAL B 314 -6.27 21.36 -23.22
N GLU B 315 -5.44 21.07 -22.22
CA GLU B 315 -4.30 20.16 -22.36
C GLU B 315 -4.74 18.71 -22.12
N GLY B 316 -5.91 18.51 -21.50
CA GLY B 316 -6.46 17.19 -21.37
C GLY B 316 -7.73 17.16 -20.55
N ILE B 317 -8.26 15.95 -20.38
CA ILE B 317 -9.48 15.68 -19.63
C ILE B 317 -9.28 14.41 -18.79
N PHE B 318 -9.48 14.52 -17.48
CA PHE B 318 -9.43 13.32 -16.60
C PHE B 318 -10.81 13.00 -16.02
N TYR B 319 -11.37 11.89 -16.47
CA TYR B 319 -12.58 11.39 -15.92
C TYR B 319 -12.29 10.90 -14.49
N TRP B 320 -13.11 11.33 -13.54
CA TRP B 320 -12.90 10.98 -12.14
C TRP B 320 -13.58 9.64 -11.81
N GLU B 321 -12.75 8.65 -11.49
CA GLU B 321 -13.18 7.33 -10.99
C GLU B 321 -14.25 6.72 -11.91
N PRO B 322 -13.96 6.55 -13.22
CA PRO B 322 -14.96 6.08 -14.17
C PRO B 322 -15.49 4.69 -13.81
N GLN B 323 -14.62 3.88 -13.20
CA GLN B 323 -14.88 2.47 -12.87
C GLN B 323 -15.81 2.35 -11.67
N ALA B 324 -16.05 3.44 -10.95
CA ALA B 324 -16.82 3.42 -9.74
C ALA B 324 -18.26 3.00 -10.04
N PRO B 325 -18.75 1.88 -9.46
CA PRO B 325 -20.13 1.47 -9.68
C PRO B 325 -21.12 2.48 -9.08
N ASN B 326 -22.31 2.52 -9.67
CA ASN B 326 -23.34 3.34 -9.18
C ASN B 326 -23.55 2.98 -7.70
N GLY B 327 -23.50 3.99 -6.86
CA GLY B 327 -23.73 3.85 -5.42
C GLY B 327 -22.47 3.64 -4.58
N TYR B 328 -21.28 3.65 -5.20
CA TYR B 328 -20.04 3.37 -4.48
C TYR B 328 -19.83 4.39 -3.35
N ASN B 329 -19.19 3.94 -2.28
CA ASN B 329 -18.91 4.75 -1.13
C ASN B 329 -20.28 5.23 -0.66
N ASP B 330 -20.57 6.53 -0.56
CA ASP B 330 -21.89 6.76 0.07
C ASP B 330 -22.93 7.12 -0.99
N GLY B 331 -22.94 6.39 -2.12
CA GLY B 331 -23.92 6.58 -3.22
C GLY B 331 -23.37 7.35 -4.42
N TYR B 332 -22.07 7.23 -4.74
CA TYR B 332 -21.51 8.03 -5.86
C TYR B 332 -22.10 7.51 -7.18
N ASN B 333 -22.63 8.40 -8.01
CA ASN B 333 -23.36 7.90 -9.19
C ASN B 333 -22.84 8.54 -10.49
N LEU B 334 -21.66 9.18 -10.44
CA LEU B 334 -21.05 9.86 -11.60
C LEU B 334 -19.87 9.06 -12.22
N GLY B 335 -19.78 7.75 -11.92
CA GLY B 335 -18.94 6.84 -12.73
C GLY B 335 -19.43 6.75 -14.17
N CYS B 336 -18.68 6.06 -15.03
CA CYS B 336 -19.16 5.82 -16.40
C CYS B 336 -19.05 4.33 -16.75
N PHE B 337 -19.30 3.48 -15.74
CA PHE B 337 -19.46 2.03 -15.88
C PHE B 337 -20.86 1.60 -15.43
N ASP B 338 -21.31 0.49 -15.99
CA ASP B 338 -22.57 -0.12 -15.72
C ASP B 338 -22.38 -1.63 -15.89
N ASN B 339 -22.99 -2.44 -15.03
CA ASN B 339 -22.83 -3.90 -15.14
C ASN B 339 -21.33 -4.24 -15.20
N ASN B 340 -20.51 -3.46 -14.47
CA ASN B 340 -19.11 -3.76 -14.21
C ASN B 340 -18.24 -3.55 -15.46
N ALA B 341 -18.74 -2.85 -16.49
CA ALA B 341 -17.98 -2.54 -17.73
C ALA B 341 -18.19 -1.09 -18.16
N PRO B 342 -17.25 -0.52 -18.96
CA PRO B 342 -17.43 0.81 -19.53
C PRO B 342 -18.75 0.93 -20.31
N THR B 343 -19.48 2.02 -20.09
CA THR B 343 -20.51 2.54 -20.98
C THR B 343 -19.86 3.21 -22.19
N ILE B 344 -20.69 3.72 -23.11
CA ILE B 344 -20.22 4.42 -24.34
C ILE B 344 -19.67 5.83 -24.03
N ALA B 345 -19.67 6.23 -22.76
CA ALA B 345 -19.26 7.58 -22.41
C ALA B 345 -17.84 7.86 -22.91
N LEU B 346 -16.91 6.95 -22.63
CA LEU B 346 -15.51 7.21 -22.90
C LEU B 346 -15.17 6.89 -24.36
N ASP B 347 -16.18 6.48 -25.15
CA ASP B 347 -16.05 6.36 -26.60
C ASP B 347 -15.54 7.68 -27.19
N ALA B 348 -15.76 8.79 -26.46
CA ALA B 348 -15.27 10.12 -26.82
C ALA B 348 -13.74 10.20 -26.85
N PHE B 349 -13.05 9.25 -26.21
CA PHE B 349 -11.58 9.21 -26.22
C PHE B 349 -11.05 8.41 -27.41
N LYS B 350 -11.94 8.02 -28.33
CA LYS B 350 -11.60 7.24 -29.50
C LYS B 350 -12.33 7.80 -30.72
#